data_7F0C
#
_entry.id   7F0C
#
_cell.length_a   92.355
_cell.length_b   92.355
_cell.length_c   119.164
_cell.angle_alpha   90.000
_cell.angle_beta   90.000
_cell.angle_gamma   90.000
#
_symmetry.space_group_name_H-M   'P 42 2 2'
#
loop_
_entity.id
_entity.type
_entity.pdbx_description
1 polymer 'Capreomycin phosphotransferase'
2 polymer DPP-SER-DPP-UAL-MYN-KBE
3 water water
#
loop_
_entity_poly.entity_id
_entity_poly.type
_entity_poly.pdbx_seq_one_letter_code
_entity_poly.pdbx_strand_id
1 'polypeptide(L)'
;MTLSHLVDVVRRAHPDVDLEGAGVHSGQFHDVLIARDRVFRFPKTAGAAAELPGRVAVLTAVDAVELGVGVPVPLSEVRD
GGPHGFLVLSRLHGTPLERGDATSPEVIDVVAAEFARVLRAMAGADVEKLRLVLPVADAGRWRGFAGRVRATLFPLMSED
GRARAERELAAAVAMDHVATGLVHGDLGGENVLWQQVEELPRLTGIVDWDEAKVGDPAEDLAAVGASYGPELVERVVALL
GAGDLWPRIRAYQGTFALQQALAGAEDGDDEELEDGLTAYRKLAAALEHHHHHH
;
A
2 'polypeptide(L)' (KBE)(DPP)(UAL)(MYN)(DPP)S C
#
# COMPACT_ATOMS: atom_id res chain seq x y z
N THR A 2 0.38 -15.22 -23.66
CA THR A 2 -0.96 -15.57 -24.25
C THR A 2 -1.92 -15.94 -23.12
N LEU A 3 -2.99 -15.16 -22.96
CA LEU A 3 -3.96 -15.25 -21.84
C LEU A 3 -4.80 -16.52 -22.06
N SER A 4 -4.89 -16.93 -23.33
CA SER A 4 -5.52 -18.20 -23.81
C SER A 4 -4.90 -19.38 -23.05
N HIS A 5 -3.57 -19.52 -23.13
CA HIS A 5 -2.79 -20.56 -22.43
C HIS A 5 -3.11 -20.50 -20.93
N LEU A 6 -2.89 -19.33 -20.31
CA LEU A 6 -3.12 -19.07 -18.86
C LEU A 6 -4.53 -19.54 -18.46
N VAL A 7 -5.54 -19.16 -19.24
CA VAL A 7 -6.95 -19.60 -19.07
C VAL A 7 -7.00 -21.13 -19.00
N ASP A 8 -6.34 -21.82 -19.94
CA ASP A 8 -6.30 -23.31 -19.98
C ASP A 8 -5.55 -23.83 -18.75
N VAL A 9 -4.42 -23.19 -18.40
CA VAL A 9 -3.63 -23.54 -17.19
C VAL A 9 -4.56 -23.55 -15.97
N VAL A 10 -5.39 -22.52 -15.82
CA VAL A 10 -6.29 -22.33 -14.64
C VAL A 10 -7.38 -23.40 -14.65
N ARG A 11 -8.12 -23.52 -15.75
CA ARG A 11 -9.21 -24.51 -15.93
C ARG A 11 -8.68 -25.92 -15.61
N ARG A 12 -7.48 -26.26 -16.12
CA ARG A 12 -6.81 -27.56 -15.86
C ARG A 12 -6.53 -27.75 -14.37
N ALA A 13 -5.88 -26.76 -13.73
CA ALA A 13 -5.49 -26.79 -12.31
C ALA A 13 -6.73 -26.58 -11.41
N HIS A 14 -7.66 -25.72 -11.83
CA HIS A 14 -8.89 -25.34 -11.07
C HIS A 14 -10.08 -25.35 -12.02
N PRO A 15 -10.68 -26.53 -12.28
CA PRO A 15 -11.73 -26.68 -13.29
C PRO A 15 -12.93 -25.73 -13.13
N ASP A 16 -13.35 -25.53 -11.88
CA ASP A 16 -14.58 -24.76 -11.48
C ASP A 16 -14.18 -23.34 -11.07
N VAL A 17 -13.98 -22.46 -12.05
CA VAL A 17 -13.54 -21.04 -11.88
C VAL A 17 -13.89 -20.28 -13.17
N ASP A 18 -14.99 -19.52 -13.19
CA ASP A 18 -15.47 -18.86 -14.43
C ASP A 18 -14.54 -17.70 -14.77
N LEU A 19 -13.90 -17.75 -15.94
CA LEU A 19 -12.96 -16.72 -16.46
C LEU A 19 -13.68 -15.78 -17.45
N GLU A 20 -14.95 -16.05 -17.77
CA GLU A 20 -15.80 -15.09 -18.51
C GLU A 20 -16.19 -13.98 -17.53
N GLY A 21 -16.07 -12.71 -17.94
CA GLY A 21 -16.26 -11.53 -17.07
C GLY A 21 -15.26 -11.54 -15.92
N ALA A 22 -14.03 -12.00 -16.19
CA ALA A 22 -12.93 -12.09 -15.21
C ALA A 22 -11.94 -10.96 -15.46
N GLY A 23 -11.66 -10.15 -14.43
CA GLY A 23 -10.67 -9.07 -14.47
C GLY A 23 -9.35 -9.56 -15.04
N VAL A 24 -8.57 -8.66 -15.64
CA VAL A 24 -7.17 -8.92 -16.06
C VAL A 24 -6.36 -7.65 -15.79
N HIS A 25 -5.33 -7.77 -14.96
CA HIS A 25 -4.23 -6.79 -14.82
C HIS A 25 -3.01 -7.38 -15.52
N SER A 26 -2.32 -6.57 -16.34
CA SER A 26 -1.10 -6.97 -17.06
C SER A 26 -0.02 -5.88 -16.92
N GLY A 27 1.23 -6.31 -17.01
CA GLY A 27 2.46 -5.50 -16.95
C GLY A 27 3.61 -6.39 -17.37
N GLN A 28 4.72 -5.83 -17.87
CA GLN A 28 5.81 -6.61 -18.53
C GLN A 28 6.39 -7.68 -17.59
N PHE A 29 5.76 -7.89 -16.43
CA PHE A 29 6.30 -8.65 -15.28
C PHE A 29 5.31 -9.75 -14.87
N HIS A 30 4.02 -9.42 -14.71
CA HIS A 30 2.96 -10.30 -14.16
C HIS A 30 1.67 -10.18 -14.96
N ASP A 31 1.01 -11.31 -15.22
CA ASP A 31 -0.43 -11.37 -15.62
C ASP A 31 -1.23 -11.83 -14.40
N VAL A 32 -2.41 -11.24 -14.16
CA VAL A 32 -3.29 -11.59 -13.02
C VAL A 32 -4.71 -11.75 -13.53
N LEU A 33 -5.29 -12.94 -13.35
CA LEU A 33 -6.72 -13.25 -13.62
C LEU A 33 -7.49 -13.09 -12.31
N ILE A 34 -8.50 -12.23 -12.30
CA ILE A 34 -9.40 -12.00 -11.14
C ILE A 34 -10.64 -12.86 -11.35
N ALA A 35 -11.18 -13.45 -10.28
CA ALA A 35 -12.41 -14.26 -10.30
C ALA A 35 -13.26 -13.88 -9.08
N ARG A 36 -14.36 -14.58 -8.81
CA ARG A 36 -15.29 -14.24 -7.70
C ARG A 36 -14.52 -14.18 -6.39
N ASP A 37 -13.81 -15.26 -6.06
CA ASP A 37 -13.25 -15.50 -4.70
C ASP A 37 -11.73 -15.67 -4.75
N ARG A 38 -11.13 -15.55 -5.93
CA ARG A 38 -9.75 -16.02 -6.21
C ARG A 38 -9.04 -15.08 -7.17
N VAL A 39 -7.74 -14.92 -6.98
CA VAL A 39 -6.82 -14.18 -7.86
C VAL A 39 -5.72 -15.17 -8.28
N PHE A 40 -5.41 -15.22 -9.58
CA PHE A 40 -4.34 -16.06 -10.17
C PHE A 40 -3.24 -15.13 -10.70
N ARG A 41 -2.03 -15.22 -10.14
CA ARG A 41 -0.87 -14.41 -10.58
C ARG A 41 0.08 -15.29 -11.37
N PHE A 42 0.41 -14.89 -12.59
CA PHE A 42 1.31 -15.60 -13.53
C PHE A 42 2.49 -14.68 -13.87
N PRO A 43 3.70 -14.89 -13.33
CA PRO A 43 4.88 -14.16 -13.76
C PRO A 43 5.23 -14.46 -15.24
N LYS A 44 5.90 -13.50 -15.90
CA LYS A 44 6.21 -13.52 -17.36
C LYS A 44 7.66 -13.91 -17.60
N THR A 45 8.61 -13.40 -16.82
CA THR A 45 10.04 -13.80 -16.85
C THR A 45 10.27 -14.84 -15.75
N ALA A 46 11.37 -15.59 -15.83
CA ALA A 46 11.77 -16.60 -14.81
C ALA A 46 12.35 -15.89 -13.57
N GLY A 47 12.80 -14.64 -13.72
CA GLY A 47 13.29 -13.79 -12.60
C GLY A 47 12.14 -13.29 -11.74
N ALA A 48 11.08 -12.80 -12.40
CA ALA A 48 9.80 -12.33 -11.80
C ALA A 48 9.08 -13.46 -11.06
N ALA A 49 9.44 -14.72 -11.34
CA ALA A 49 8.91 -15.91 -10.66
C ALA A 49 9.15 -15.80 -9.15
N ALA A 50 10.28 -15.21 -8.75
CA ALA A 50 10.72 -15.03 -7.36
C ALA A 50 9.73 -14.15 -6.58
N GLU A 51 8.94 -13.31 -7.27
CA GLU A 51 7.89 -12.49 -6.62
C GLU A 51 6.90 -13.40 -5.88
N LEU A 52 6.64 -14.61 -6.39
CA LEU A 52 5.57 -15.47 -5.83
C LEU A 52 5.89 -15.90 -4.40
N PRO A 53 7.03 -16.54 -4.10
CA PRO A 53 7.40 -16.83 -2.71
C PRO A 53 7.59 -15.56 -1.86
N GLY A 54 8.02 -14.45 -2.47
CA GLY A 54 8.09 -13.12 -1.84
C GLY A 54 6.73 -12.70 -1.29
N ARG A 55 5.71 -12.75 -2.14
CA ARG A 55 4.31 -12.39 -1.80
C ARG A 55 3.80 -13.35 -0.73
N VAL A 56 4.05 -14.65 -0.90
CA VAL A 56 3.64 -15.66 0.12
C VAL A 56 4.29 -15.28 1.46
N ALA A 57 5.58 -14.96 1.48
CA ALA A 57 6.35 -14.71 2.72
C ALA A 57 5.82 -13.45 3.42
N VAL A 58 5.57 -12.38 2.67
CA VAL A 58 5.07 -11.10 3.24
C VAL A 58 3.68 -11.36 3.82
N LEU A 59 2.77 -11.90 3.01
CA LEU A 59 1.37 -12.10 3.43
C LEU A 59 1.28 -13.04 4.65
N THR A 60 2.09 -14.10 4.71
CA THR A 60 2.12 -15.05 5.85
C THR A 60 2.59 -14.33 7.12
N ALA A 61 3.67 -13.55 7.02
CA ALA A 61 4.22 -12.76 8.15
C ALA A 61 3.16 -11.75 8.63
N VAL A 62 2.47 -11.06 7.71
CA VAL A 62 1.46 -10.04 8.09
C VAL A 62 0.28 -10.77 8.76
N ASP A 63 -0.14 -11.87 8.18
CA ASP A 63 -1.25 -12.68 8.75
C ASP A 63 -0.91 -13.07 10.20
N ALA A 64 0.36 -13.47 10.45
CA ALA A 64 0.82 -14.01 11.74
C ALA A 64 0.77 -12.92 12.82
N VAL A 65 0.80 -11.65 12.45
CA VAL A 65 0.68 -10.51 13.41
C VAL A 65 -0.72 -10.52 14.03
N GLU A 66 -1.74 -11.02 13.31
CA GLU A 66 -3.16 -11.06 13.77
C GLU A 66 -3.68 -9.63 13.93
N LEU A 67 -3.96 -8.98 12.80
CA LEU A 67 -4.38 -7.57 12.72
C LEU A 67 -5.84 -7.44 13.18
N GLY A 68 -6.62 -8.52 13.11
CA GLY A 68 -8.07 -8.54 13.39
C GLY A 68 -8.89 -8.13 12.17
N VAL A 69 -8.25 -8.05 11.00
CA VAL A 69 -8.96 -7.83 9.71
C VAL A 69 -8.31 -8.76 8.69
N GLY A 70 -9.00 -9.03 7.58
CA GLY A 70 -8.50 -9.91 6.53
C GLY A 70 -7.33 -9.29 5.80
N VAL A 71 -6.39 -10.12 5.38
CA VAL A 71 -5.40 -9.81 4.32
C VAL A 71 -5.46 -10.94 3.29
N PRO A 72 -5.01 -10.72 2.04
CA PRO A 72 -5.03 -11.79 1.04
C PRO A 72 -4.31 -13.02 1.57
N VAL A 73 -4.91 -14.19 1.35
CA VAL A 73 -4.40 -15.52 1.82
C VAL A 73 -3.95 -16.30 0.58
N PRO A 74 -2.73 -16.86 0.55
CA PRO A 74 -2.40 -17.87 -0.46
C PRO A 74 -3.42 -19.01 -0.31
N LEU A 75 -4.18 -19.33 -1.36
CA LEU A 75 -5.18 -20.43 -1.35
C LEU A 75 -4.55 -21.71 -1.88
N SER A 76 -3.34 -21.60 -2.44
CA SER A 76 -2.57 -22.71 -3.03
C SER A 76 -1.11 -22.54 -2.63
N GLU A 77 -0.34 -23.62 -2.66
CA GLU A 77 1.13 -23.58 -2.72
C GLU A 77 1.51 -22.79 -3.99
N VAL A 78 2.71 -22.23 -4.07
CA VAL A 78 3.23 -21.71 -5.36
C VAL A 78 3.38 -22.94 -6.27
N ARG A 79 2.86 -22.90 -7.48
CA ARG A 79 2.92 -24.06 -8.42
C ARG A 79 3.87 -23.67 -9.55
N ASP A 80 4.65 -24.63 -10.07
CA ASP A 80 5.61 -24.39 -11.19
C ASP A 80 4.92 -24.70 -12.54
N GLY A 81 3.59 -24.80 -12.56
CA GLY A 81 2.78 -24.76 -13.79
C GLY A 81 2.89 -23.40 -14.46
N GLY A 82 2.20 -23.22 -15.60
CA GLY A 82 2.28 -22.00 -16.42
C GLY A 82 3.71 -21.71 -16.88
N PRO A 83 3.92 -20.63 -17.65
CA PRO A 83 5.25 -20.25 -18.11
C PRO A 83 6.35 -20.19 -17.02
N HIS A 84 6.08 -19.53 -15.89
CA HIS A 84 7.09 -19.29 -14.83
C HIS A 84 6.47 -19.42 -13.43
N GLY A 85 5.43 -20.25 -13.33
CA GLY A 85 4.74 -20.52 -12.06
C GLY A 85 3.45 -19.73 -11.94
N PHE A 86 2.63 -20.08 -10.96
CA PHE A 86 1.44 -19.26 -10.61
C PHE A 86 1.13 -19.46 -9.12
N LEU A 87 0.42 -18.48 -8.57
CA LEU A 87 -0.04 -18.44 -7.15
C LEU A 87 -1.51 -18.02 -7.14
N VAL A 88 -2.33 -18.77 -6.40
CA VAL A 88 -3.77 -18.46 -6.17
C VAL A 88 -3.86 -17.77 -4.82
N LEU A 89 -4.43 -16.57 -4.79
CA LEU A 89 -4.69 -15.80 -3.54
C LEU A 89 -6.19 -15.63 -3.38
N SER A 90 -6.68 -15.53 -2.15
CA SER A 90 -8.07 -15.12 -1.83
C SER A 90 -8.32 -13.71 -2.39
N ARG A 91 -9.56 -13.44 -2.79
CA ARG A 91 -10.03 -12.08 -3.13
C ARG A 91 -10.86 -11.59 -1.93
N LEU A 92 -10.48 -10.46 -1.35
CA LEU A 92 -11.21 -9.90 -0.17
C LEU A 92 -12.41 -9.10 -0.71
N HIS A 93 -13.53 -9.15 0.02
CA HIS A 93 -14.78 -8.43 -0.32
C HIS A 93 -14.76 -7.09 0.42
N GLY A 94 -15.60 -6.16 0.01
CA GLY A 94 -15.66 -4.83 0.63
C GLY A 94 -15.23 -3.79 -0.35
N THR A 95 -15.47 -2.54 -0.01
CA THR A 95 -15.28 -1.34 -0.85
C THR A 95 -14.52 -0.31 -0.02
N PRO A 96 -13.61 0.49 -0.62
CA PRO A 96 -13.06 1.65 0.08
C PRO A 96 -14.21 2.50 0.60
N LEU A 97 -13.98 3.14 1.75
CA LEU A 97 -14.89 4.17 2.31
C LEU A 97 -14.65 5.47 1.53
N GLU A 98 -15.67 6.02 0.87
CA GLU A 98 -15.65 7.38 0.30
C GLU A 98 -15.35 8.37 1.43
N ARG A 99 -14.63 9.45 1.14
CA ARG A 99 -14.25 10.46 2.16
C ARG A 99 -15.53 10.94 2.85
N GLY A 100 -16.58 11.26 2.09
CA GLY A 100 -17.88 11.71 2.62
C GLY A 100 -18.41 10.76 3.68
N ASP A 101 -18.44 9.46 3.38
CA ASP A 101 -19.03 8.42 4.27
C ASP A 101 -18.24 8.40 5.57
N ALA A 102 -16.90 8.24 5.49
CA ALA A 102 -15.98 8.01 6.62
C ALA A 102 -16.09 9.09 7.70
N THR A 103 -16.54 10.29 7.33
CA THR A 103 -16.43 11.50 8.18
C THR A 103 -17.78 11.89 8.82
N SER A 104 -18.92 11.34 8.41
CA SER A 104 -20.26 11.59 9.03
C SER A 104 -20.19 11.44 10.55
N PRO A 105 -20.83 12.34 11.32
CA PRO A 105 -20.81 12.28 12.78
C PRO A 105 -21.22 10.92 13.40
N GLU A 106 -22.15 10.20 12.77
CA GLU A 106 -22.66 8.92 13.33
C GLU A 106 -21.66 7.79 13.10
N VAL A 107 -20.67 7.90 12.19
CA VAL A 107 -19.72 6.79 11.87
C VAL A 107 -18.25 7.16 12.16
N ILE A 108 -17.89 8.45 12.23
CA ILE A 108 -16.48 8.92 12.34
C ILE A 108 -15.79 8.20 13.49
N ASP A 109 -16.43 8.04 14.66
CA ASP A 109 -15.81 7.38 15.83
C ASP A 109 -15.54 5.90 15.50
N VAL A 110 -16.50 5.23 14.87
CA VAL A 110 -16.39 3.79 14.47
C VAL A 110 -15.20 3.66 13.49
N VAL A 111 -15.13 4.52 12.47
CA VAL A 111 -14.06 4.50 11.44
C VAL A 111 -12.72 4.69 12.15
N ALA A 112 -12.63 5.69 13.04
CA ALA A 112 -11.39 5.97 13.79
C ALA A 112 -10.97 4.71 14.55
N ALA A 113 -11.88 4.02 15.25
CA ALA A 113 -11.48 2.83 16.03
C ALA A 113 -11.12 1.66 15.09
N GLU A 114 -11.75 1.56 13.92
CA GLU A 114 -11.40 0.49 12.94
C GLU A 114 -9.93 0.67 12.53
N PHE A 115 -9.53 1.87 12.13
CA PHE A 115 -8.11 2.20 11.83
C PHE A 115 -7.25 1.96 13.07
N ALA A 116 -7.68 2.44 14.26
CA ALA A 116 -6.86 2.35 15.49
C ALA A 116 -6.57 0.90 15.87
N ARG A 117 -7.56 0.02 15.83
CA ARG A 117 -7.32 -1.36 16.32
C ARG A 117 -6.35 -2.08 15.37
N VAL A 118 -6.44 -1.79 14.07
CA VAL A 118 -5.47 -2.36 13.08
C VAL A 118 -4.08 -1.77 13.35
N LEU A 119 -3.96 -0.43 13.42
CA LEU A 119 -2.64 0.23 13.60
C LEU A 119 -2.03 -0.21 14.93
N ARG A 120 -2.86 -0.39 15.96
CA ARG A 120 -2.38 -0.83 17.31
C ARG A 120 -1.76 -2.22 17.17
N ALA A 121 -2.44 -3.14 16.49
CA ALA A 121 -1.96 -4.52 16.29
C ALA A 121 -0.65 -4.49 15.48
N MET A 122 -0.55 -3.60 14.50
CA MET A 122 0.64 -3.46 13.63
C MET A 122 1.83 -2.96 14.46
N ALA A 123 1.59 -2.02 15.39
CA ALA A 123 2.61 -1.43 16.29
C ALA A 123 3.05 -2.46 17.33
N GLY A 124 2.20 -3.43 17.65
CA GLY A 124 2.49 -4.46 18.66
C GLY A 124 3.09 -5.71 18.06
N ALA A 125 3.34 -5.74 16.76
CA ALA A 125 3.97 -6.89 16.07
C ALA A 125 5.34 -7.19 16.69
N ASP A 126 5.67 -8.47 16.80
CA ASP A 126 7.01 -8.98 17.14
C ASP A 126 7.97 -8.59 16.00
N VAL A 127 8.74 -7.54 16.23
CA VAL A 127 9.61 -6.89 15.22
C VAL A 127 10.78 -7.83 14.89
N GLU A 128 11.28 -8.57 15.88
CA GLU A 128 12.39 -9.54 15.66
C GLU A 128 11.96 -10.57 14.61
N LYS A 129 10.72 -11.07 14.68
CA LYS A 129 10.15 -12.02 13.67
C LYS A 129 9.98 -11.31 12.32
N LEU A 130 9.34 -10.15 12.31
CA LEU A 130 9.06 -9.38 11.07
C LEU A 130 10.38 -9.08 10.35
N ARG A 131 11.43 -8.71 11.09
CA ARG A 131 12.71 -8.19 10.53
C ARG A 131 13.41 -9.26 9.70
N LEU A 132 13.06 -10.52 9.89
CA LEU A 132 13.62 -11.68 9.15
C LEU A 132 12.97 -11.78 7.76
N VAL A 133 11.79 -11.21 7.56
CA VAL A 133 10.98 -11.48 6.34
C VAL A 133 10.81 -10.18 5.56
N LEU A 134 10.39 -9.12 6.25
CA LEU A 134 10.01 -7.84 5.61
C LEU A 134 11.24 -6.97 5.42
N PRO A 135 11.18 -6.06 4.42
CA PRO A 135 12.08 -4.93 4.35
C PRO A 135 12.05 -4.16 5.68
N VAL A 136 13.17 -3.55 6.02
CA VAL A 136 13.32 -2.75 7.27
C VAL A 136 13.65 -1.32 6.83
N ALA A 137 12.93 -0.34 7.35
CA ALA A 137 13.12 1.08 7.05
C ALA A 137 14.62 1.37 7.15
N ASP A 138 15.19 2.00 6.12
CA ASP A 138 16.64 2.30 6.08
C ASP A 138 16.82 3.78 6.36
N ALA A 139 17.76 4.12 7.24
CA ALA A 139 18.09 5.50 7.66
C ALA A 139 18.46 6.36 6.44
N GLY A 140 18.96 5.77 5.36
CA GLY A 140 19.36 6.50 4.14
C GLY A 140 18.23 6.70 3.16
N ARG A 141 17.02 6.25 3.47
CA ARG A 141 15.91 6.20 2.48
C ARG A 141 15.60 7.59 1.92
N TRP A 142 15.40 8.59 2.79
CA TRP A 142 14.89 9.92 2.38
C TRP A 142 16.03 10.75 1.76
N ARG A 143 17.25 10.64 2.30
CA ARG A 143 18.50 11.14 1.66
C ARG A 143 18.52 10.73 0.20
N GLY A 144 18.41 9.43 -0.07
CA GLY A 144 18.44 8.86 -1.43
C GLY A 144 17.26 9.32 -2.25
N PHE A 145 16.07 9.35 -1.65
CA PHE A 145 14.85 9.83 -2.33
C PHE A 145 15.07 11.30 -2.77
N ALA A 146 15.66 12.11 -1.89
CA ALA A 146 15.91 13.55 -2.14
C ALA A 146 16.83 13.68 -3.37
N GLY A 147 17.96 12.99 -3.34
CA GLY A 147 18.90 12.88 -4.48
C GLY A 147 18.19 12.63 -5.80
N ARG A 148 17.29 11.64 -5.85
CA ARG A 148 16.62 11.24 -7.11
C ARG A 148 15.56 12.26 -7.51
N VAL A 149 14.95 12.97 -6.55
CA VAL A 149 13.98 14.04 -6.89
C VAL A 149 14.77 15.21 -7.52
N ARG A 150 15.91 15.57 -6.94
CA ARG A 150 16.71 16.75 -7.40
C ARG A 150 17.26 16.47 -8.80
N ALA A 151 17.77 15.26 -9.03
CA ALA A 151 18.31 14.77 -10.33
C ALA A 151 17.21 14.72 -11.39
N THR A 152 16.02 14.22 -11.06
CA THR A 152 14.99 13.82 -12.07
C THR A 152 13.89 14.89 -12.24
N LEU A 153 13.40 15.50 -11.14
CA LEU A 153 12.18 16.36 -11.19
C LEU A 153 12.54 17.85 -11.11
N PHE A 154 13.61 18.25 -10.43
CA PHE A 154 13.89 19.69 -10.16
C PHE A 154 13.93 20.50 -11.45
N PRO A 155 14.61 20.01 -12.52
CA PRO A 155 14.59 20.69 -13.82
C PRO A 155 13.21 21.02 -14.39
N LEU A 156 12.18 20.25 -14.03
CA LEU A 156 10.82 20.40 -14.60
C LEU A 156 10.02 21.41 -13.78
N MET A 157 10.57 21.84 -12.64
CA MET A 157 9.84 22.68 -11.65
C MET A 157 10.15 24.17 -11.89
N SER A 158 9.29 25.06 -11.38
CA SER A 158 9.59 26.49 -11.19
C SER A 158 10.59 26.64 -10.05
N GLU A 159 11.17 27.83 -9.90
CA GLU A 159 12.08 28.13 -8.77
C GLU A 159 11.31 27.98 -7.46
N ASP A 160 10.07 28.49 -7.41
CA ASP A 160 9.15 28.32 -6.25
C ASP A 160 8.94 26.82 -5.99
N GLY A 161 8.72 26.04 -7.05
CA GLY A 161 8.58 24.57 -6.96
C GLY A 161 9.75 23.95 -6.21
N ARG A 162 10.97 24.25 -6.66
CA ARG A 162 12.20 23.67 -6.08
C ARG A 162 12.34 24.09 -4.60
N ALA A 163 11.96 25.33 -4.25
CA ALA A 163 12.01 25.84 -2.86
C ALA A 163 11.06 25.00 -1.99
N ARG A 164 9.81 24.85 -2.43
CA ARG A 164 8.79 24.04 -1.74
C ARG A 164 9.30 22.60 -1.58
N ALA A 165 9.77 22.00 -2.68
CA ALA A 165 10.24 20.60 -2.72
C ALA A 165 11.42 20.45 -1.78
N GLU A 166 12.36 21.40 -1.75
CA GLU A 166 13.53 21.32 -0.84
C GLU A 166 13.07 21.27 0.63
N ARG A 167 12.07 22.08 1.01
CA ARG A 167 11.54 22.08 2.41
C ARG A 167 10.89 20.72 2.72
N GLU A 168 10.08 20.18 1.81
CA GLU A 168 9.37 18.89 2.02
C GLU A 168 10.38 17.74 2.10
N LEU A 169 11.37 17.69 1.20
CA LEU A 169 12.43 16.64 1.22
C LEU A 169 13.18 16.73 2.54
N ALA A 170 13.55 17.95 2.95
CA ALA A 170 14.32 18.19 4.18
C ALA A 170 13.53 17.69 5.42
N ALA A 171 12.22 17.94 5.49
CA ALA A 171 11.42 17.52 6.68
C ALA A 171 11.50 16.00 6.83
N ALA A 172 11.55 15.28 5.70
CA ALA A 172 11.65 13.80 5.69
C ALA A 172 13.09 13.40 6.03
N VAL A 173 14.08 14.06 5.43
CA VAL A 173 15.51 13.72 5.69
C VAL A 173 15.82 13.98 7.16
N ALA A 174 15.18 14.97 7.78
CA ALA A 174 15.46 15.38 9.17
C ALA A 174 14.95 14.32 10.17
N MET A 175 13.97 13.50 9.79
CA MET A 175 13.34 12.53 10.75
C MET A 175 14.41 11.55 11.25
N ASP A 176 14.45 11.33 12.55
CA ASP A 176 15.27 10.24 13.14
C ASP A 176 14.66 8.91 12.69
N HIS A 177 15.49 7.89 12.56
CA HIS A 177 15.13 6.53 12.09
C HIS A 177 14.21 5.87 13.13
N VAL A 178 13.04 5.38 12.71
CA VAL A 178 12.08 4.62 13.55
C VAL A 178 11.76 3.30 12.83
N ALA A 179 11.97 2.16 13.47
CA ALA A 179 11.59 0.82 12.95
C ALA A 179 11.11 -0.01 14.14
N THR A 180 9.84 0.17 14.51
CA THR A 180 9.28 -0.34 15.78
C THR A 180 8.05 -1.20 15.54
N GLY A 181 7.52 -1.22 14.32
CA GLY A 181 6.35 -2.07 14.05
C GLY A 181 6.12 -2.31 12.57
N LEU A 182 5.08 -3.08 12.28
CA LEU A 182 4.62 -3.32 10.91
C LEU A 182 4.06 -2.02 10.36
N VAL A 183 4.45 -1.71 9.14
CA VAL A 183 3.96 -0.55 8.37
C VAL A 183 3.49 -1.09 7.03
N HIS A 184 2.28 -0.74 6.62
CA HIS A 184 1.71 -1.15 5.32
C HIS A 184 2.46 -0.41 4.20
N GLY A 185 2.70 0.89 4.37
CA GLY A 185 3.53 1.73 3.50
C GLY A 185 2.71 2.47 2.45
N ASP A 186 1.46 2.07 2.25
CA ASP A 186 0.55 2.74 1.28
C ASP A 186 -0.90 2.62 1.75
N LEU A 187 -1.18 3.04 3.00
CA LEU A 187 -2.50 2.81 3.65
C LEU A 187 -3.47 3.94 3.30
N GLY A 188 -3.62 4.21 2.02
CA GLY A 188 -4.69 5.06 1.49
C GLY A 188 -5.99 4.29 1.38
N GLY A 189 -7.08 5.00 1.13
CA GLY A 189 -8.45 4.47 1.19
C GLY A 189 -8.68 3.33 0.21
N GLU A 190 -8.08 3.41 -0.99
CA GLU A 190 -8.19 2.41 -2.07
C GLU A 190 -7.70 1.03 -1.61
N ASN A 191 -6.81 0.94 -0.61
CA ASN A 191 -6.23 -0.36 -0.17
C ASN A 191 -6.93 -0.89 1.08
N VAL A 192 -7.92 -0.15 1.58
CA VAL A 192 -8.65 -0.50 2.83
C VAL A 192 -10.11 -0.77 2.46
N LEU A 193 -10.61 -1.96 2.81
CA LEU A 193 -11.91 -2.47 2.35
C LEU A 193 -12.86 -2.55 3.55
N TRP A 194 -14.08 -2.07 3.36
CA TRP A 194 -15.14 -1.96 4.38
C TRP A 194 -16.40 -2.66 3.88
N GLN A 195 -17.18 -3.19 4.82
CA GLN A 195 -18.58 -3.65 4.59
C GLN A 195 -19.47 -2.97 5.63
N GLN A 196 -20.71 -2.68 5.25
CA GLN A 196 -21.78 -2.27 6.20
C GLN A 196 -22.17 -3.52 6.98
N VAL A 197 -21.85 -3.58 8.26
CA VAL A 197 -22.16 -4.74 9.14
C VAL A 197 -23.19 -4.25 10.17
N GLU A 198 -24.43 -4.73 10.05
CA GLU A 198 -25.59 -4.27 10.84
C GLU A 198 -25.61 -2.74 10.85
N GLU A 199 -25.45 -2.15 9.66
CA GLU A 199 -25.70 -0.73 9.32
C GLU A 199 -24.60 0.21 9.86
N LEU A 200 -23.44 -0.33 10.24
CA LEU A 200 -22.24 0.50 10.57
C LEU A 200 -21.02 -0.04 9.85
N PRO A 201 -20.08 0.82 9.42
CA PRO A 201 -18.90 0.36 8.70
C PRO A 201 -18.07 -0.56 9.59
N ARG A 202 -17.49 -1.58 8.98
CA ARG A 202 -16.52 -2.51 9.56
C ARG A 202 -15.36 -2.57 8.56
N LEU A 203 -14.13 -2.38 9.05
CA LEU A 203 -12.91 -2.55 8.22
C LEU A 203 -12.65 -4.06 8.15
N THR A 204 -12.90 -4.67 7.00
CA THR A 204 -12.88 -6.15 6.82
C THR A 204 -11.58 -6.62 6.16
N GLY A 205 -10.94 -5.79 5.34
CA GLY A 205 -9.76 -6.21 4.56
C GLY A 205 -8.77 -5.09 4.31
N ILE A 206 -7.50 -5.46 4.22
CA ILE A 206 -6.44 -4.53 3.74
C ILE A 206 -5.64 -5.27 2.67
N VAL A 207 -5.49 -4.65 1.51
CA VAL A 207 -4.84 -5.29 0.33
C VAL A 207 -3.59 -4.50 -0.02
N ASP A 208 -2.82 -5.06 -0.96
CA ASP A 208 -1.67 -4.36 -1.59
C ASP A 208 -0.61 -4.06 -0.52
N TRP A 209 -0.01 -5.13 -0.01
CA TRP A 209 1.07 -5.12 0.99
C TRP A 209 2.45 -5.02 0.32
N ASP A 210 2.51 -4.51 -0.92
CA ASP A 210 3.78 -4.46 -1.70
C ASP A 210 4.83 -3.64 -0.96
N GLU A 211 4.45 -2.55 -0.28
CA GLU A 211 5.41 -1.63 0.39
C GLU A 211 5.54 -1.98 1.88
N ALA A 212 5.15 -3.19 2.31
CA ALA A 212 5.09 -3.57 3.74
C ALA A 212 6.51 -3.58 4.29
N LYS A 213 6.70 -3.13 5.53
CA LYS A 213 8.06 -3.05 6.12
C LYS A 213 7.97 -2.97 7.64
N VAL A 214 9.09 -3.22 8.31
CA VAL A 214 9.32 -2.82 9.72
C VAL A 214 9.72 -1.35 9.67
N GLY A 215 8.92 -0.47 10.26
CA GLY A 215 9.12 0.97 10.05
C GLY A 215 8.43 1.84 11.08
N ASP A 216 8.02 3.02 10.62
CA ASP A 216 7.51 4.12 11.45
C ASP A 216 5.98 4.13 11.33
N PRO A 217 5.24 3.91 12.44
CA PRO A 217 3.78 4.00 12.44
C PRO A 217 3.23 5.33 11.87
N ALA A 218 4.01 6.41 11.97
CA ALA A 218 3.59 7.73 11.43
C ALA A 218 3.35 7.63 9.92
N GLU A 219 4.02 6.72 9.22
CA GLU A 219 3.89 6.62 7.73
C GLU A 219 2.47 6.16 7.37
N ASP A 220 1.90 5.21 8.11
CA ASP A 220 0.51 4.75 7.82
C ASP A 220 -0.49 5.83 8.23
N LEU A 221 -0.26 6.50 9.36
CA LEU A 221 -1.18 7.60 9.80
C LEU A 221 -1.17 8.73 8.76
N ALA A 222 0.00 9.03 8.17
CA ALA A 222 0.12 10.05 7.10
C ALA A 222 -0.79 9.70 5.94
N ALA A 223 -0.81 8.43 5.54
CA ALA A 223 -1.58 7.94 4.37
C ALA A 223 -3.07 8.03 4.66
N VAL A 224 -3.48 7.68 5.88
CA VAL A 224 -4.91 7.76 6.30
C VAL A 224 -5.35 9.22 6.23
N GLY A 225 -4.51 10.13 6.73
CA GLY A 225 -4.71 11.58 6.65
C GLY A 225 -4.90 12.03 5.21
N ALA A 226 -4.03 11.59 4.30
CA ALA A 226 -4.08 11.98 2.88
C ALA A 226 -5.44 11.59 2.29
N SER A 227 -5.98 10.42 2.66
CA SER A 227 -7.25 9.90 2.09
C SER A 227 -8.48 10.55 2.75
N TYR A 228 -8.43 10.86 4.05
CA TYR A 228 -9.66 11.14 4.85
C TYR A 228 -9.60 12.49 5.57
N GLY A 229 -8.44 13.13 5.69
CA GLY A 229 -8.34 14.48 6.27
C GLY A 229 -8.02 14.45 7.76
N PRO A 230 -7.67 15.62 8.34
CA PRO A 230 -7.22 15.70 9.73
C PRO A 230 -8.32 15.37 10.75
N GLU A 231 -9.60 15.62 10.46
CA GLU A 231 -10.69 15.29 11.41
C GLU A 231 -10.56 13.81 11.77
N LEU A 232 -10.53 12.91 10.78
CA LEU A 232 -10.38 11.46 11.05
C LEU A 232 -9.03 11.18 11.73
N VAL A 233 -7.91 11.65 11.19
CA VAL A 233 -6.59 11.19 11.72
C VAL A 233 -6.44 11.72 13.16
N GLU A 234 -6.96 12.91 13.48
CA GLU A 234 -6.89 13.45 14.87
C GLU A 234 -7.56 12.45 15.81
N ARG A 235 -8.72 11.91 15.42
CA ARG A 235 -9.48 10.93 16.26
C ARG A 235 -8.69 9.63 16.37
N VAL A 236 -8.05 9.16 15.29
CA VAL A 236 -7.24 7.91 15.33
C VAL A 236 -6.07 8.12 16.29
N VAL A 237 -5.37 9.24 16.16
CA VAL A 237 -4.18 9.61 16.97
C VAL A 237 -4.58 9.72 18.45
N ALA A 238 -5.72 10.36 18.74
CA ALA A 238 -6.25 10.53 20.12
C ALA A 238 -6.41 9.15 20.77
N LEU A 239 -7.10 8.26 20.08
CA LEU A 239 -7.31 6.84 20.49
C LEU A 239 -5.98 6.11 20.70
N LEU A 240 -5.00 6.31 19.81
CA LEU A 240 -3.71 5.58 19.89
C LEU A 240 -2.82 6.20 20.97
N GLY A 241 -3.07 7.46 21.34
CA GLY A 241 -2.16 8.23 22.22
C GLY A 241 -0.88 8.60 21.49
N ALA A 242 -0.99 8.93 20.20
CA ALA A 242 0.16 9.09 19.28
C ALA A 242 0.34 10.58 18.93
N GLY A 243 -0.11 11.48 19.79
CA GLY A 243 0.01 12.94 19.61
C GLY A 243 1.46 13.36 19.38
N ASP A 244 2.41 12.60 19.91
CA ASP A 244 3.86 12.78 19.71
C ASP A 244 4.24 12.75 18.21
N LEU A 245 3.46 12.06 17.37
CA LEU A 245 3.91 11.67 15.99
C LEU A 245 3.61 12.76 14.97
N TRP A 246 2.88 13.82 15.33
CA TRP A 246 2.36 14.80 14.34
C TRP A 246 3.46 15.33 13.43
N PRO A 247 4.64 15.74 13.94
CA PRO A 247 5.70 16.26 13.07
C PRO A 247 6.09 15.21 12.00
N ARG A 248 6.23 13.95 12.40
CA ARG A 248 6.61 12.83 11.49
C ARG A 248 5.48 12.62 10.48
N ILE A 249 4.23 12.64 10.92
CA ILE A 249 3.03 12.47 10.05
C ILE A 249 3.06 13.54 8.95
N ARG A 250 3.30 14.80 9.32
CA ARG A 250 3.35 15.91 8.34
C ARG A 250 4.55 15.72 7.40
N ALA A 251 5.69 15.26 7.91
CA ALA A 251 6.92 15.04 7.10
C ALA A 251 6.62 14.00 6.00
N TYR A 252 6.06 12.83 6.33
CA TYR A 252 5.62 11.83 5.32
C TYR A 252 4.64 12.51 4.35
N GLN A 253 3.60 13.20 4.84
CA GLN A 253 2.51 13.70 3.95
C GLN A 253 3.10 14.69 2.94
N GLY A 254 4.10 15.47 3.34
CA GLY A 254 4.71 16.47 2.45
C GLY A 254 5.50 15.85 1.30
N THR A 255 5.83 14.55 1.36
CA THR A 255 6.57 13.81 0.28
C THR A 255 5.61 13.13 -0.71
N PHE A 256 4.30 13.07 -0.45
CA PHE A 256 3.37 12.21 -1.21
C PHE A 256 3.26 12.63 -2.68
N ALA A 257 3.10 13.92 -2.98
CA ALA A 257 3.05 14.45 -4.38
C ALA A 257 4.38 14.14 -5.09
N LEU A 258 5.52 14.31 -4.42
CA LEU A 258 6.86 14.09 -5.01
C LEU A 258 7.08 12.58 -5.23
N GLN A 259 6.66 11.70 -4.30
CA GLN A 259 6.69 10.22 -4.46
C GLN A 259 5.95 9.83 -5.74
N GLN A 260 4.75 10.37 -5.93
CA GLN A 260 3.91 10.09 -7.11
C GLN A 260 4.61 10.60 -8.38
N ALA A 261 5.16 11.82 -8.35
CA ALA A 261 5.84 12.43 -9.52
C ALA A 261 7.04 11.55 -9.89
N LEU A 262 7.87 11.19 -8.91
CA LEU A 262 9.11 10.42 -9.16
C LEU A 262 8.75 9.06 -9.76
N ALA A 263 7.68 8.41 -9.26
CA ALA A 263 7.21 7.09 -9.75
C ALA A 263 6.70 7.25 -11.19
N GLY A 264 5.93 8.30 -11.48
CA GLY A 264 5.46 8.65 -12.83
C GLY A 264 6.63 8.78 -13.82
N ALA A 265 7.69 9.51 -13.46
CA ALA A 265 8.94 9.61 -14.25
C ALA A 265 9.55 8.21 -14.44
N GLU A 266 9.82 7.50 -13.34
CA GLU A 266 10.52 6.18 -13.32
C GLU A 266 9.67 5.09 -14.01
N ASP A 267 8.35 5.11 -13.85
CA ASP A 267 7.43 4.08 -14.41
C ASP A 267 7.02 4.45 -15.84
N GLY A 268 7.30 5.68 -16.27
CA GLY A 268 6.86 6.22 -17.56
C GLY A 268 5.35 6.36 -17.63
N ASP A 269 4.70 6.72 -16.52
CA ASP A 269 3.27 7.12 -16.49
C ASP A 269 3.20 8.67 -16.51
N ASP A 270 2.76 9.23 -17.63
CA ASP A 270 2.75 10.70 -17.91
C ASP A 270 1.75 11.38 -16.96
N GLU A 271 0.59 10.75 -16.72
CA GLU A 271 -0.51 11.39 -15.95
C GLU A 271 -0.15 11.47 -14.47
N GLU A 272 0.58 10.48 -13.95
CA GLU A 272 1.08 10.44 -12.55
C GLU A 272 2.17 11.51 -12.37
N LEU A 273 3.11 11.58 -13.31
CA LEU A 273 4.19 12.60 -13.34
C LEU A 273 3.54 13.99 -13.34
N GLU A 274 2.62 14.25 -14.27
CA GLU A 274 1.93 15.56 -14.38
C GLU A 274 1.20 15.88 -13.07
N ASP A 275 0.41 14.94 -12.54
CA ASP A 275 -0.46 15.17 -11.35
C ASP A 275 0.43 15.45 -10.13
N GLY A 276 1.51 14.67 -9.97
CA GLY A 276 2.47 14.82 -8.87
C GLY A 276 3.14 16.19 -8.87
N LEU A 277 3.44 16.75 -10.05
CA LEU A 277 4.27 17.98 -10.19
C LEU A 277 3.42 19.26 -10.12
N THR A 278 2.09 19.20 -10.13
CA THR A 278 1.23 20.41 -10.38
C THR A 278 1.54 21.52 -9.36
N ALA A 279 1.78 21.19 -8.09
CA ALA A 279 2.08 22.19 -7.03
C ALA A 279 3.49 22.75 -7.19
N TYR A 280 4.32 22.22 -8.10
CA TYR A 280 5.77 22.53 -8.18
C TYR A 280 6.09 23.28 -9.47
N ARG A 281 5.08 23.80 -10.17
CA ARG A 281 5.24 24.68 -11.36
C ARG A 281 3.93 25.39 -11.72
N LYS A 282 3.95 26.25 -12.73
CA LYS A 282 2.86 27.21 -13.09
C LYS A 282 2.03 26.71 -14.28
N LEU A 283 2.67 26.05 -15.26
CA LEU A 283 2.04 25.67 -16.56
C LEU A 283 1.82 24.15 -16.60
N SER B 6 1.61 5.65 -2.93
CA SER B 6 1.24 5.71 -4.36
C SER B 6 0.12 6.72 -4.53
#